data_3N45
#
_entry.id   3N45
#
_cell.length_a   110.753
_cell.length_b   110.753
_cell.length_c   67.966
_cell.angle_alpha   90.00
_cell.angle_beta   90.00
_cell.angle_gamma   90.00
#
_symmetry.space_group_name_H-M   'P 41 21 2'
#
loop_
_entity.id
_entity.type
_entity.pdbx_description
1 polymer 'FARNESYL PYROPHOSPHATE SYNTHASE'
2 non-polymer '(2S)-1-[(benzyloxy)carbonyl]-2,3-dihydro-1H-indole-2-carboxylic acid'
3 non-polymer 'ZOLEDRONIC ACID'
4 non-polymer 'MAGNESIUM ION'
5 non-polymer 'PHOSPHATE ION'
6 water water
#
_entity_poly.entity_id   1
_entity_poly.type   'polypeptide(L)'
_entity_poly.pdbx_seq_one_letter_code
;GPNSDVYAQEKQDFVQHFSQIVRVLTEDEMGHPEIGDAIARLKEVLEYNAIGGKYNRGLTVVVAFRELVEPRKQDADSLQ
RAWTVGWCVELLQAFFLVADDIMDSSLTRRGQICWYQKPGVGLDAINDANLLEACIYRLLKLYCREQPYYLNLIELFLQS
SYQTEIGQTLDLLTAPQGNVDLVRFTEKRYKSIVKYKTAFYSFYLPIAAAMYMAGIDGEKEHANAKKILLEMGEFFQIQD
DYLDLFGDPSVTGKIGTDIQDNKCSWLVVQCLQRATPEQYQILKENYGQKEAEKVARVKALYEELDLPAVFLQYEEDSYS
HIMALIEQYAAPLPPAVFLGLARKIYKRRK
;
_entity_poly.pdbx_strand_id   F
#
loop_
_chem_comp.id
_chem_comp.type
_chem_comp.name
_chem_comp.formula
3N3 non-polymer '(2S)-1-[(benzyloxy)carbonyl]-2,3-dihydro-1H-indole-2-carboxylic acid' 'C17 H15 N O4'
MG non-polymer 'MAGNESIUM ION' 'Mg 2'
PO4 non-polymer 'PHOSPHATE ION' 'O4 P -3'
ZOL non-polymer 'ZOLEDRONIC ACID' 'C5 H10 N2 O7 P2'
#
# COMPACT_ATOMS: atom_id res chain seq x y z
N ASP A 5 16.68 -8.59 6.09
CA ASP A 5 16.61 -10.03 6.46
C ASP A 5 15.84 -10.24 7.75
N VAL A 6 15.69 -9.16 8.52
CA VAL A 6 14.97 -9.22 9.79
C VAL A 6 13.49 -9.54 9.55
N TYR A 7 13.02 -9.30 8.34
CA TYR A 7 11.63 -9.57 7.99
C TYR A 7 11.36 -11.07 7.97
N ALA A 8 12.29 -11.85 7.43
CA ALA A 8 12.12 -13.29 7.33
C ALA A 8 12.09 -13.98 8.70
N GLN A 9 12.84 -13.44 9.66
CA GLN A 9 12.87 -14.04 10.99
C GLN A 9 11.70 -13.60 11.87
N GLU A 10 10.85 -12.73 11.35
CA GLU A 10 9.69 -12.28 12.13
C GLU A 10 8.39 -12.70 11.46
N LYS A 11 8.48 -13.00 10.17
CA LYS A 11 7.31 -13.40 9.39
C LYS A 11 6.48 -14.52 10.00
N GLN A 12 7.12 -15.66 10.27
CA GLN A 12 6.39 -16.81 10.81
C GLN A 12 5.49 -16.50 11.99
N ASP A 13 6.04 -15.93 13.06
CA ASP A 13 5.25 -15.58 14.23
C ASP A 13 4.16 -14.57 13.88
N PHE A 14 4.46 -13.67 12.94
CA PHE A 14 3.49 -12.67 12.52
C PHE A 14 2.31 -13.32 11.77
N VAL A 15 2.62 -14.19 10.82
CA VAL A 15 1.56 -14.85 10.07
C VAL A 15 0.71 -15.78 10.93
N GLN A 16 1.35 -16.47 11.87
CA GLN A 16 0.61 -17.38 12.74
C GLN A 16 -0.36 -16.61 13.64
N HIS A 17 -0.10 -15.32 13.82
CA HIS A 17 -0.95 -14.50 14.66
C HIS A 17 -2.29 -14.24 13.98
N PHE A 18 -2.32 -14.39 12.65
CA PHE A 18 -3.55 -14.16 11.89
C PHE A 18 -4.70 -15.01 12.43
N SER A 19 -4.41 -16.27 12.77
CA SER A 19 -5.44 -17.15 13.32
C SER A 19 -6.09 -16.52 14.54
N GLN A 20 -5.26 -15.96 15.43
CA GLN A 20 -5.77 -15.32 16.63
C GLN A 20 -6.60 -14.11 16.29
N ILE A 21 -6.12 -13.30 15.35
CA ILE A 21 -6.84 -12.10 14.91
C ILE A 21 -8.24 -12.50 14.47
N VAL A 22 -8.34 -13.52 13.64
CA VAL A 22 -9.63 -13.99 13.16
C VAL A 22 -10.48 -14.50 14.32
N ARG A 23 -9.85 -15.26 15.21
CA ARG A 23 -10.54 -15.81 16.36
C ARG A 23 -11.16 -14.69 17.20
N VAL A 24 -10.34 -13.69 17.52
CA VAL A 24 -10.81 -12.57 18.33
C VAL A 24 -11.93 -11.76 17.67
N LEU A 25 -11.84 -11.58 16.35
CA LEU A 25 -12.86 -10.83 15.62
C LEU A 25 -14.15 -11.63 15.46
N THR A 26 -14.02 -12.94 15.43
CA THR A 26 -15.20 -13.80 15.28
C THR A 26 -15.65 -14.35 16.62
N GLU A 27 -15.28 -13.66 17.70
CA GLU A 27 -15.67 -14.09 19.03
C GLU A 27 -16.69 -13.09 19.58
N ASP A 28 -17.11 -12.19 18.71
CA ASP A 28 -18.12 -11.18 19.04
C ASP A 28 -19.45 -11.79 18.65
N GLU A 29 -19.36 -13.00 18.12
CA GLU A 29 -20.52 -13.77 17.67
C GLU A 29 -21.11 -14.59 18.80
N MET A 30 -20.24 -15.09 19.68
CA MET A 30 -20.69 -15.90 20.81
C MET A 30 -21.65 -15.12 21.70
N GLY A 31 -21.39 -13.82 21.85
CA GLY A 31 -22.25 -12.98 22.67
C GLY A 31 -23.45 -12.45 21.91
N HIS A 32 -23.42 -12.58 20.60
CA HIS A 32 -24.49 -12.11 19.73
C HIS A 32 -24.70 -13.08 18.58
N PRO A 33 -25.22 -14.28 18.87
CA PRO A 33 -25.49 -15.35 17.91
C PRO A 33 -26.26 -14.91 16.67
N GLU A 34 -27.08 -13.88 16.83
CA GLU A 34 -27.90 -13.35 15.74
C GLU A 34 -27.09 -12.83 14.56
N ILE A 35 -25.86 -12.38 14.79
CA ILE A 35 -25.04 -11.88 13.70
C ILE A 35 -24.07 -12.94 13.20
N GLY A 36 -24.28 -14.19 13.60
CA GLY A 36 -23.42 -15.28 13.18
C GLY A 36 -23.13 -15.32 11.70
N ASP A 37 -24.17 -15.26 10.87
CA ASP A 37 -23.99 -15.29 9.42
C ASP A 37 -23.11 -14.13 8.95
N ALA A 38 -23.24 -12.97 9.60
CA ALA A 38 -22.45 -11.82 9.22
C ALA A 38 -21.01 -12.07 9.63
N ILE A 39 -20.83 -12.67 10.79
CA ILE A 39 -19.48 -12.95 11.27
C ILE A 39 -18.81 -13.98 10.38
N ALA A 40 -19.59 -14.91 9.85
CA ALA A 40 -19.06 -15.93 8.96
C ALA A 40 -18.61 -15.26 7.67
N ARG A 41 -19.41 -14.32 7.19
CA ARG A 41 -19.05 -13.59 5.97
C ARG A 41 -17.73 -12.83 6.22
N LEU A 42 -17.64 -12.18 7.36
CA LEU A 42 -16.44 -11.43 7.72
C LEU A 42 -15.20 -12.33 7.67
N LYS A 43 -15.31 -13.51 8.27
CA LYS A 43 -14.20 -14.44 8.27
C LYS A 43 -13.80 -14.78 6.85
N GLU A 44 -14.79 -15.01 5.98
CA GLU A 44 -14.50 -15.35 4.60
C GLU A 44 -13.79 -14.17 3.90
N VAL A 45 -14.24 -12.95 4.21
CA VAL A 45 -13.67 -11.73 3.63
C VAL A 45 -12.21 -11.59 4.04
N LEU A 46 -11.95 -11.74 5.34
CA LEU A 46 -10.61 -11.63 5.90
C LEU A 46 -9.65 -12.66 5.32
N GLU A 47 -10.09 -13.91 5.25
CA GLU A 47 -9.24 -14.96 4.73
C GLU A 47 -8.94 -14.78 3.24
N TYR A 48 -9.91 -14.25 2.49
CA TYR A 48 -9.69 -14.05 1.06
C TYR A 48 -8.87 -12.79 0.74
N ASN A 49 -9.09 -11.72 1.50
CA ASN A 49 -8.43 -10.44 1.24
C ASN A 49 -7.29 -9.98 2.13
N ALA A 50 -7.09 -10.65 3.25
CA ALA A 50 -6.01 -10.28 4.14
C ALA A 50 -4.87 -11.29 4.04
N ILE A 51 -5.12 -12.43 3.40
CA ILE A 51 -4.11 -13.48 3.24
C ILE A 51 -3.75 -13.75 1.79
N GLY A 52 -2.45 -13.88 1.49
CA GLY A 52 -2.03 -14.16 0.12
C GLY A 52 -0.95 -13.23 -0.36
N GLY A 53 -0.73 -12.15 0.39
CA GLY A 53 0.29 -11.19 0.03
C GLY A 53 1.58 -11.52 0.74
N LYS A 54 2.49 -10.56 0.76
CA LYS A 54 3.80 -10.71 1.40
C LYS A 54 3.78 -10.21 2.83
N TYR A 55 2.73 -9.49 3.19
CA TYR A 55 2.54 -8.93 4.52
C TYR A 55 3.64 -7.98 4.94
N ASN A 56 4.37 -7.42 3.98
CA ASN A 56 5.47 -6.53 4.33
C ASN A 56 5.12 -5.24 5.07
N ARG A 57 3.95 -4.67 4.80
CA ARG A 57 3.59 -3.43 5.50
C ARG A 57 3.35 -3.77 6.98
N GLY A 58 2.64 -4.86 7.22
CA GLY A 58 2.39 -5.25 8.60
C GLY A 58 3.69 -5.67 9.28
N LEU A 59 4.50 -6.43 8.56
CA LEU A 59 5.77 -6.89 9.10
C LEU A 59 6.66 -5.71 9.46
N THR A 60 6.52 -4.61 8.74
CA THR A 60 7.33 -3.44 9.02
C THR A 60 7.06 -2.95 10.43
N VAL A 61 5.80 -2.99 10.86
CA VAL A 61 5.45 -2.57 12.22
C VAL A 61 6.22 -3.42 13.22
N VAL A 62 6.17 -4.74 13.03
CA VAL A 62 6.83 -5.68 13.93
C VAL A 62 8.34 -5.48 13.94
N VAL A 63 8.94 -5.44 12.75
CA VAL A 63 10.38 -5.27 12.65
C VAL A 63 10.82 -3.99 13.35
N ALA A 64 10.15 -2.89 13.06
CA ALA A 64 10.49 -1.62 13.67
C ALA A 64 10.27 -1.69 15.18
N PHE A 65 9.19 -2.35 15.59
CA PHE A 65 8.91 -2.46 17.01
C PHE A 65 10.08 -3.08 17.78
N ARG A 66 10.62 -4.18 17.26
CA ARG A 66 11.73 -4.87 17.93
C ARG A 66 13.05 -4.11 17.86
N GLU A 67 13.16 -3.17 16.94
CA GLU A 67 14.40 -2.41 16.80
C GLU A 67 14.30 -1.11 17.59
N LEU A 68 13.09 -0.68 17.90
CA LEU A 68 12.87 0.56 18.63
C LEU A 68 12.59 0.34 20.11
N VAL A 69 11.93 -0.78 20.42
CA VAL A 69 11.60 -1.11 21.80
C VAL A 69 12.72 -1.91 22.44
N GLU A 70 13.16 -1.45 23.61
CA GLU A 70 14.23 -2.12 24.31
C GLU A 70 13.80 -3.55 24.68
N PRO A 71 14.68 -4.53 24.42
CA PRO A 71 14.43 -5.95 24.68
C PRO A 71 13.72 -6.23 26.00
N ARG A 72 14.11 -5.51 27.05
CA ARG A 72 13.53 -5.73 28.38
C ARG A 72 12.05 -5.33 28.41
N LYS A 73 11.60 -4.67 27.36
CA LYS A 73 10.21 -4.25 27.28
C LYS A 73 9.43 -5.03 26.23
N GLN A 74 10.11 -5.93 25.53
CA GLN A 74 9.46 -6.73 24.51
C GLN A 74 8.87 -8.00 25.12
N ASP A 75 8.00 -7.81 26.11
CA ASP A 75 7.35 -8.94 26.77
C ASP A 75 6.34 -9.62 25.84
N ALA A 76 5.83 -10.77 26.26
CA ALA A 76 4.86 -11.50 25.46
C ALA A 76 3.66 -10.65 25.05
N ASP A 77 3.08 -9.93 26.00
CA ASP A 77 1.92 -9.09 25.69
C ASP A 77 2.27 -7.96 24.73
N SER A 78 3.45 -7.37 24.89
CA SER A 78 3.86 -6.27 24.02
C SER A 78 4.05 -6.75 22.58
N LEU A 79 4.61 -7.94 22.44
CA LEU A 79 4.84 -8.49 21.12
C LEU A 79 3.48 -8.81 20.49
N GLN A 80 2.57 -9.31 21.31
CA GLN A 80 1.22 -9.64 20.84
C GLN A 80 0.59 -8.38 20.24
N ARG A 81 0.69 -7.27 20.97
CA ARG A 81 0.12 -6.01 20.52
C ARG A 81 0.81 -5.59 19.21
N ALA A 82 2.13 -5.76 19.15
CA ALA A 82 2.86 -5.41 17.94
C ALA A 82 2.32 -6.21 16.74
N TRP A 83 2.14 -7.52 16.89
CA TRP A 83 1.63 -8.33 15.78
C TRP A 83 0.22 -7.89 15.40
N THR A 84 -0.55 -7.45 16.39
CA THR A 84 -1.91 -6.99 16.14
C THR A 84 -1.90 -5.68 15.35
N VAL A 85 -1.09 -4.73 15.78
CA VAL A 85 -1.04 -3.46 15.07
C VAL A 85 -0.55 -3.68 13.64
N GLY A 86 0.39 -4.62 13.48
CA GLY A 86 0.87 -4.94 12.14
C GLY A 86 -0.27 -5.49 11.31
N TRP A 87 -1.12 -6.32 11.91
CA TRP A 87 -2.23 -6.83 11.12
C TRP A 87 -3.23 -5.72 10.83
N CYS A 88 -3.35 -4.75 11.72
CA CYS A 88 -4.27 -3.64 11.46
C CYS A 88 -3.80 -2.93 10.19
N VAL A 89 -2.49 -2.80 10.02
CA VAL A 89 -1.98 -2.17 8.80
C VAL A 89 -2.36 -3.03 7.60
N GLU A 90 -2.24 -4.34 7.70
CA GLU A 90 -2.62 -5.20 6.59
C GLU A 90 -4.10 -5.07 6.28
N LEU A 91 -4.92 -4.89 7.32
CA LEU A 91 -6.37 -4.75 7.11
C LEU A 91 -6.68 -3.40 6.44
N LEU A 92 -5.94 -2.36 6.81
CA LEU A 92 -6.17 -1.05 6.19
C LEU A 92 -5.88 -1.22 4.70
N GLN A 93 -4.77 -1.91 4.41
CA GLN A 93 -4.36 -2.20 3.05
C GLN A 93 -5.48 -2.96 2.32
N ALA A 94 -5.97 -4.03 2.95
CA ALA A 94 -7.02 -4.85 2.36
C ALA A 94 -8.26 -4.03 2.05
N PHE A 95 -8.65 -3.17 2.99
CA PHE A 95 -9.81 -2.29 2.84
C PHE A 95 -9.66 -1.46 1.56
N PHE A 96 -8.54 -0.77 1.44
CA PHE A 96 -8.30 0.07 0.26
C PHE A 96 -8.19 -0.71 -1.07
N LEU A 97 -7.52 -1.86 -1.04
CA LEU A 97 -7.36 -2.65 -2.25
C LEU A 97 -8.67 -3.25 -2.75
N VAL A 98 -9.52 -3.73 -1.85
CA VAL A 98 -10.80 -4.26 -2.30
C VAL A 98 -11.56 -3.18 -3.10
N ALA A 99 -11.58 -1.97 -2.55
CA ALA A 99 -12.28 -0.88 -3.20
C ALA A 99 -11.52 -0.40 -4.45
N ASP A 100 -10.18 -0.36 -4.37
CA ASP A 100 -9.36 0.08 -5.49
C ASP A 100 -9.54 -0.83 -6.70
N ASP A 101 -9.63 -2.14 -6.45
CA ASP A 101 -9.82 -3.09 -7.53
C ASP A 101 -11.15 -2.86 -8.25
N ILE A 102 -12.21 -2.55 -7.51
CA ILE A 102 -13.50 -2.28 -8.15
C ILE A 102 -13.36 -1.01 -8.99
N MET A 103 -12.80 0.03 -8.40
CA MET A 103 -12.67 1.31 -9.08
C MET A 103 -11.71 1.32 -10.28
N ASP A 104 -10.71 0.44 -10.25
CA ASP A 104 -9.76 0.36 -11.36
C ASP A 104 -10.15 -0.74 -12.38
N SER A 105 -11.29 -1.39 -12.14
CA SER A 105 -11.76 -2.48 -13.00
C SER A 105 -10.71 -3.56 -13.14
N SER A 106 -10.08 -3.91 -12.03
CA SER A 106 -9.04 -4.91 -12.06
C SER A 106 -9.60 -6.32 -12.12
N LEU A 107 -8.75 -7.25 -12.55
CA LEU A 107 -9.16 -8.64 -12.70
C LEU A 107 -8.61 -9.58 -11.64
N THR A 108 -7.31 -9.46 -11.35
CA THR A 108 -6.68 -10.32 -10.35
C THR A 108 -5.87 -9.51 -9.36
N ARG A 109 -5.58 -10.14 -8.23
CA ARG A 109 -4.82 -9.53 -7.14
C ARG A 109 -4.26 -10.69 -6.31
N ARG A 110 -2.97 -10.62 -6.02
CA ARG A 110 -2.28 -11.66 -5.25
C ARG A 110 -2.46 -13.05 -5.87
N GLY A 111 -2.44 -13.12 -7.19
CA GLY A 111 -2.57 -14.40 -7.88
C GLY A 111 -3.96 -15.02 -7.91
N GLN A 112 -4.98 -14.27 -7.49
CA GLN A 112 -6.34 -14.79 -7.52
C GLN A 112 -7.31 -13.76 -8.07
N ILE A 113 -8.50 -14.20 -8.42
CA ILE A 113 -9.50 -13.29 -8.95
C ILE A 113 -9.84 -12.25 -7.87
N CYS A 114 -9.96 -10.99 -8.28
CA CYS A 114 -10.31 -9.93 -7.34
C CYS A 114 -11.60 -10.30 -6.62
N TRP A 115 -11.68 -9.94 -5.33
CA TRP A 115 -12.86 -10.25 -4.52
C TRP A 115 -14.19 -9.85 -5.18
N TYR A 116 -14.29 -8.61 -5.67
CA TYR A 116 -15.55 -8.19 -6.28
C TYR A 116 -15.91 -8.94 -7.56
N GLN A 117 -14.92 -9.55 -8.22
CA GLN A 117 -15.15 -10.32 -9.45
C GLN A 117 -15.53 -11.76 -9.14
N LYS A 118 -15.44 -12.15 -7.88
CA LYS A 118 -15.81 -13.51 -7.51
C LYS A 118 -17.31 -13.66 -7.66
N PRO A 119 -17.74 -14.76 -8.29
CA PRO A 119 -19.17 -14.99 -8.49
C PRO A 119 -19.90 -14.94 -7.16
N GLY A 120 -20.98 -14.16 -7.10
CA GLY A 120 -21.74 -14.06 -5.87
C GLY A 120 -21.35 -12.91 -4.97
N VAL A 121 -20.23 -12.26 -5.25
CA VAL A 121 -19.78 -11.14 -4.43
C VAL A 121 -20.25 -9.82 -5.06
N GLY A 122 -19.66 -9.45 -6.19
CA GLY A 122 -20.06 -8.21 -6.84
C GLY A 122 -19.93 -6.98 -5.97
N LEU A 123 -20.83 -6.02 -6.13
CA LEU A 123 -20.78 -4.77 -5.37
C LEU A 123 -20.97 -4.93 -3.86
N ASP A 124 -21.36 -6.11 -3.40
CA ASP A 124 -21.48 -6.31 -1.96
C ASP A 124 -20.06 -6.12 -1.37
N ALA A 125 -19.03 -6.24 -2.20
CA ALA A 125 -17.66 -6.06 -1.75
C ALA A 125 -17.44 -4.69 -1.12
N ILE A 126 -18.27 -3.72 -1.51
CA ILE A 126 -18.15 -2.37 -0.97
C ILE A 126 -18.33 -2.43 0.55
N ASN A 127 -19.37 -3.13 0.99
CA ASN A 127 -19.61 -3.21 2.43
C ASN A 127 -18.55 -4.11 3.08
N ASP A 128 -18.08 -5.13 2.35
CA ASP A 128 -17.04 -6.01 2.89
C ASP A 128 -15.81 -5.18 3.20
N ALA A 129 -15.50 -4.25 2.31
CA ALA A 129 -14.35 -3.36 2.49
C ALA A 129 -14.52 -2.50 3.74
N ASN A 130 -15.73 -1.95 3.91
CA ASN A 130 -16.03 -1.11 5.08
C ASN A 130 -15.86 -1.94 6.36
N LEU A 131 -16.22 -3.21 6.31
CA LEU A 131 -16.06 -4.08 7.49
C LEU A 131 -14.61 -4.29 7.86
N LEU A 132 -13.77 -4.46 6.84
CA LEU A 132 -12.36 -4.65 7.08
C LEU A 132 -11.80 -3.43 7.79
N GLU A 133 -12.26 -2.25 7.37
CA GLU A 133 -11.80 -1.00 7.99
C GLU A 133 -12.20 -1.01 9.46
N ALA A 134 -13.47 -1.33 9.71
CA ALA A 134 -13.99 -1.37 11.07
C ALA A 134 -13.18 -2.30 11.97
N CYS A 135 -12.73 -3.43 11.42
CA CYS A 135 -11.94 -4.40 12.20
C CYS A 135 -10.68 -3.81 12.80
N ILE A 136 -10.10 -2.85 12.11
CA ILE A 136 -8.90 -2.19 12.59
C ILE A 136 -9.15 -1.63 13.97
N TYR A 137 -10.19 -0.81 14.09
CA TYR A 137 -10.48 -0.16 15.34
C TYR A 137 -10.96 -1.13 16.42
N ARG A 138 -11.59 -2.22 16.02
CA ARG A 138 -12.03 -3.22 16.98
C ARG A 138 -10.79 -3.89 17.58
N LEU A 139 -9.80 -4.20 16.76
CA LEU A 139 -8.58 -4.81 17.29
C LEU A 139 -7.81 -3.82 18.15
N LEU A 140 -7.71 -2.56 17.73
CA LEU A 140 -6.98 -1.59 18.53
C LEU A 140 -7.60 -1.49 19.92
N LYS A 141 -8.93 -1.40 20.00
CA LYS A 141 -9.55 -1.31 21.30
C LYS A 141 -9.31 -2.59 22.13
N LEU A 142 -9.51 -3.74 21.50
CA LEU A 142 -9.33 -5.03 22.17
C LEU A 142 -7.92 -5.30 22.70
N TYR A 143 -6.90 -4.88 21.96
CA TYR A 143 -5.52 -5.13 22.37
C TYR A 143 -4.78 -3.95 22.98
N CYS A 144 -5.10 -2.73 22.58
CA CYS A 144 -4.37 -1.56 23.06
C CYS A 144 -5.12 -0.50 23.86
N ARG A 145 -6.40 -0.73 24.13
CA ARG A 145 -7.23 0.23 24.86
C ARG A 145 -6.60 0.79 26.14
N GLU A 146 -5.80 -0.02 26.83
CA GLU A 146 -5.21 0.44 28.08
C GLU A 146 -3.82 1.05 27.88
N GLN A 147 -3.31 1.02 26.66
CA GLN A 147 -1.97 1.56 26.39
C GLN A 147 -1.94 3.08 26.26
N PRO A 148 -0.82 3.70 26.64
CA PRO A 148 -0.71 5.16 26.57
C PRO A 148 -0.71 5.71 25.13
N TYR A 149 -0.42 4.83 24.17
CA TYR A 149 -0.39 5.24 22.77
C TYR A 149 -1.71 4.92 22.04
N TYR A 150 -2.71 4.43 22.77
CA TYR A 150 -3.99 4.09 22.16
C TYR A 150 -4.56 5.19 21.26
N LEU A 151 -4.80 6.37 21.81
CA LEU A 151 -5.37 7.45 21.01
C LEU A 151 -4.46 7.80 19.84
N ASN A 152 -3.14 7.80 20.05
CA ASN A 152 -2.22 8.12 18.96
C ASN A 152 -2.40 7.17 17.78
N LEU A 153 -2.54 5.87 18.07
CA LEU A 153 -2.72 4.90 17.00
C LEU A 153 -4.07 5.10 16.29
N ILE A 154 -5.14 5.30 17.07
CA ILE A 154 -6.44 5.51 16.47
C ILE A 154 -6.35 6.68 15.50
N GLU A 155 -5.83 7.81 15.95
CA GLU A 155 -5.72 8.97 15.09
C GLU A 155 -4.79 8.72 13.90
N LEU A 156 -3.72 7.96 14.11
CA LEU A 156 -2.77 7.66 13.02
C LEU A 156 -3.47 6.87 11.90
N PHE A 157 -4.18 5.82 12.29
CA PHE A 157 -4.90 5.05 11.30
C PHE A 157 -5.97 5.90 10.62
N LEU A 158 -6.73 6.68 11.38
CA LEU A 158 -7.78 7.50 10.76
C LEU A 158 -7.18 8.54 9.81
N GLN A 159 -6.11 9.19 10.25
CA GLN A 159 -5.44 10.21 9.43
C GLN A 159 -4.86 9.59 8.16
N SER A 160 -4.22 8.44 8.30
CA SER A 160 -3.65 7.74 7.15
C SER A 160 -4.73 7.36 6.14
N SER A 161 -5.91 7.00 6.63
CA SER A 161 -7.03 6.64 5.74
C SER A 161 -7.50 7.89 4.98
N TYR A 162 -7.64 9.00 5.68
CA TYR A 162 -8.06 10.25 5.04
C TYR A 162 -7.07 10.65 3.93
N GLN A 163 -5.78 10.58 4.26
CA GLN A 163 -4.76 10.94 3.26
C GLN A 163 -4.83 10.01 2.05
N THR A 164 -4.99 8.71 2.31
CA THR A 164 -5.07 7.75 1.23
C THR A 164 -6.29 8.04 0.34
N GLU A 165 -7.41 8.39 0.96
CA GLU A 165 -8.64 8.68 0.23
C GLU A 165 -8.52 9.97 -0.56
N ILE A 166 -7.78 10.93 -0.04
CA ILE A 166 -7.56 12.17 -0.76
C ILE A 166 -6.76 11.77 -2.01
N GLY A 167 -5.72 10.96 -1.79
CA GLY A 167 -4.89 10.49 -2.89
C GLY A 167 -5.69 9.73 -3.94
N GLN A 168 -6.54 8.81 -3.48
CA GLN A 168 -7.36 8.05 -4.41
C GLN A 168 -8.24 9.00 -5.21
N THR A 169 -8.73 10.05 -4.56
CA THR A 169 -9.59 11.04 -5.22
C THR A 169 -8.81 11.69 -6.36
N LEU A 170 -7.56 12.05 -6.08
CA LEU A 170 -6.69 12.68 -7.08
C LEU A 170 -6.42 11.70 -8.22
N ASP A 171 -6.14 10.46 -7.84
CA ASP A 171 -5.88 9.40 -8.79
C ASP A 171 -7.05 9.29 -9.78
N LEU A 172 -8.26 9.19 -9.25
CA LEU A 172 -9.46 9.03 -10.07
C LEU A 172 -9.82 10.28 -10.87
N LEU A 173 -9.68 11.46 -10.27
CA LEU A 173 -10.00 12.75 -10.93
C LEU A 173 -9.07 13.03 -12.12
N THR A 174 -7.84 12.54 -12.03
CA THR A 174 -6.85 12.75 -13.09
C THR A 174 -7.00 11.69 -14.17
N ALA A 175 -7.83 10.69 -13.91
CA ALA A 175 -8.03 9.62 -14.88
C ALA A 175 -9.49 9.39 -15.25
N PRO A 176 -10.17 10.42 -15.79
CA PRO A 176 -11.58 10.32 -16.18
C PRO A 176 -11.73 9.28 -17.30
N GLN A 177 -12.64 8.31 -17.11
CA GLN A 177 -12.83 7.27 -18.12
C GLN A 177 -13.34 7.85 -19.44
N GLY A 178 -12.82 7.34 -20.55
CA GLY A 178 -13.24 7.82 -21.86
C GLY A 178 -12.96 9.29 -22.12
N ASN A 179 -12.12 9.88 -21.28
CA ASN A 179 -11.79 11.30 -21.43
C ASN A 179 -10.27 11.48 -21.36
N VAL A 180 -9.61 11.34 -22.50
CA VAL A 180 -8.16 11.46 -22.55
C VAL A 180 -7.67 12.89 -22.75
N ASP A 181 -6.90 13.37 -21.78
CA ASP A 181 -6.34 14.72 -21.85
C ASP A 181 -4.95 14.66 -21.22
N LEU A 182 -4.00 14.20 -22.04
CA LEU A 182 -2.61 14.05 -21.61
C LEU A 182 -2.02 15.28 -20.92
N VAL A 183 -2.58 16.45 -21.21
CA VAL A 183 -2.07 17.68 -20.63
C VAL A 183 -2.11 17.67 -19.10
N ARG A 184 -2.98 16.86 -18.52
CA ARG A 184 -3.06 16.82 -17.06
C ARG A 184 -2.03 15.91 -16.40
N PHE A 185 -1.36 15.07 -17.20
CA PHE A 185 -0.34 14.16 -16.68
C PHE A 185 1.02 14.82 -16.50
N THR A 186 1.18 15.64 -15.47
CA THR A 186 2.44 16.31 -15.23
C THR A 186 3.21 15.64 -14.10
N GLU A 187 4.49 15.96 -14.00
CA GLU A 187 5.32 15.41 -12.95
C GLU A 187 4.84 15.89 -11.58
N LYS A 188 4.45 17.16 -11.50
CA LYS A 188 3.98 17.72 -10.24
C LYS A 188 2.70 17.03 -9.76
N ARG A 189 1.75 16.83 -10.67
CA ARG A 189 0.49 16.16 -10.35
C ARG A 189 0.77 14.73 -9.91
N TYR A 190 1.65 14.06 -10.64
CA TYR A 190 2.03 12.68 -10.33
C TYR A 190 2.56 12.56 -8.91
N LYS A 191 3.55 13.39 -8.57
CA LYS A 191 4.13 13.33 -7.23
C LYS A 191 3.11 13.55 -6.12
N SER A 192 2.15 14.45 -6.34
CA SER A 192 1.13 14.70 -5.32
C SER A 192 0.21 13.48 -5.18
N ILE A 193 -0.17 12.89 -6.31
CA ILE A 193 -1.03 11.72 -6.27
C ILE A 193 -0.41 10.59 -5.47
N VAL A 194 0.79 10.17 -5.85
CA VAL A 194 1.43 9.06 -5.15
C VAL A 194 1.76 9.34 -3.68
N LYS A 195 2.06 10.59 -3.36
CA LYS A 195 2.37 10.95 -1.97
C LYS A 195 1.16 10.60 -1.10
N TYR A 196 -0.01 11.05 -1.55
CA TYR A 196 -1.21 10.80 -0.80
C TYR A 196 -1.82 9.41 -0.96
N LYS A 197 -1.83 8.85 -2.16
CA LYS A 197 -2.46 7.55 -2.32
C LYS A 197 -1.65 6.33 -1.88
N THR A 198 -0.33 6.48 -1.72
CA THR A 198 0.50 5.35 -1.36
C THR A 198 1.54 5.58 -0.28
N ALA A 199 2.26 6.69 -0.38
CA ALA A 199 3.32 6.95 0.58
C ALA A 199 2.92 6.96 2.05
N PHE A 200 1.82 7.61 2.39
CA PHE A 200 1.42 7.66 3.79
C PHE A 200 1.08 6.31 4.39
N TYR A 201 0.14 5.58 3.79
CA TYR A 201 -0.25 4.30 4.39
C TYR A 201 0.74 3.16 4.23
N SER A 202 1.49 3.14 3.13
CA SER A 202 2.43 2.04 2.94
C SER A 202 3.76 2.20 3.66
N PHE A 203 4.19 3.44 3.89
CA PHE A 203 5.48 3.64 4.53
C PHE A 203 5.50 4.42 5.83
N TYR A 204 4.84 5.58 5.88
CA TYR A 204 4.84 6.35 7.10
C TYR A 204 4.02 5.62 8.17
N LEU A 205 2.83 5.17 7.80
CA LEU A 205 1.95 4.47 8.75
C LEU A 205 2.61 3.37 9.60
N PRO A 206 3.17 2.33 8.97
CA PRO A 206 3.82 1.24 9.71
C PRO A 206 4.91 1.71 10.67
N ILE A 207 5.82 2.52 10.17
CA ILE A 207 6.89 3.00 11.02
C ILE A 207 6.35 3.90 12.13
N ALA A 208 5.45 4.82 11.80
CA ALA A 208 4.89 5.72 12.79
C ALA A 208 4.18 4.93 13.90
N ALA A 209 3.50 3.86 13.53
CA ALA A 209 2.78 3.03 14.50
C ALA A 209 3.76 2.45 15.51
N ALA A 210 4.86 1.89 15.00
CA ALA A 210 5.89 1.29 15.84
C ALA A 210 6.53 2.35 16.73
N MET A 211 6.70 3.56 16.19
CA MET A 211 7.28 4.64 16.97
C MET A 211 6.37 4.97 18.15
N TYR A 212 5.07 5.13 17.89
CA TYR A 212 4.15 5.45 18.98
C TYR A 212 4.15 4.32 20.02
N MET A 213 4.23 3.08 19.58
CA MET A 213 4.25 1.97 20.53
C MET A 213 5.52 2.00 21.37
N ALA A 214 6.60 2.53 20.78
CA ALA A 214 7.88 2.62 21.47
C ALA A 214 7.95 3.90 22.32
N GLY A 215 6.85 4.65 22.33
CA GLY A 215 6.83 5.87 23.12
C GLY A 215 7.45 7.08 22.43
N ILE A 216 7.83 6.90 21.16
CA ILE A 216 8.41 7.99 20.40
C ILE A 216 7.23 8.72 19.75
N ASP A 217 6.79 9.81 20.36
CA ASP A 217 5.66 10.56 19.83
C ASP A 217 6.00 12.00 19.48
N GLY A 218 7.29 12.34 19.55
CA GLY A 218 7.71 13.69 19.23
C GLY A 218 7.40 14.12 17.81
N GLU A 219 6.84 15.31 17.67
CA GLU A 219 6.48 15.81 16.35
C GLU A 219 7.71 15.88 15.45
N LYS A 220 8.85 16.23 16.05
CA LYS A 220 10.10 16.35 15.30
C LYS A 220 10.57 15.00 14.78
N GLU A 221 10.56 14.00 15.64
CA GLU A 221 11.00 12.65 15.26
C GLU A 221 10.10 12.08 14.17
N HIS A 222 8.80 12.33 14.25
CA HIS A 222 7.88 11.82 13.23
C HIS A 222 8.10 12.55 11.90
N ALA A 223 8.34 13.86 11.98
CA ALA A 223 8.57 14.64 10.77
C ALA A 223 9.82 14.17 10.02
N ASN A 224 10.89 13.90 10.76
CA ASN A 224 12.13 13.45 10.14
C ASN A 224 11.96 12.07 9.51
N ALA A 225 11.22 11.19 10.19
CA ALA A 225 11.01 9.85 9.67
C ALA A 225 10.19 9.95 8.39
N LYS A 226 9.18 10.81 8.41
CA LYS A 226 8.32 11.00 7.25
C LYS A 226 9.11 11.52 6.05
N LYS A 227 10.14 12.31 6.32
CA LYS A 227 10.97 12.84 5.24
C LYS A 227 11.52 11.67 4.42
N ILE A 228 12.03 10.66 5.12
CA ILE A 228 12.58 9.47 4.47
C ILE A 228 11.46 8.59 3.89
N LEU A 229 10.47 8.30 4.72
CA LEU A 229 9.38 7.42 4.33
C LEU A 229 8.53 7.89 3.13
N LEU A 230 8.20 9.19 3.03
CA LEU A 230 7.40 9.63 1.89
C LEU A 230 8.20 9.50 0.59
N GLU A 231 9.52 9.70 0.66
CA GLU A 231 10.34 9.56 -0.53
C GLU A 231 10.41 8.09 -0.97
N MET A 232 10.46 7.17 -0.01
CA MET A 232 10.49 5.76 -0.36
C MET A 232 9.15 5.41 -1.02
N GLY A 233 8.08 5.96 -0.47
CA GLY A 233 6.75 5.70 -0.98
C GLY A 233 6.60 6.16 -2.42
N GLU A 234 7.21 7.29 -2.75
CA GLU A 234 7.13 7.79 -4.10
C GLU A 234 7.83 6.80 -5.01
N PHE A 235 9.01 6.33 -4.60
CA PHE A 235 9.71 5.36 -5.43
C PHE A 235 8.89 4.08 -5.58
N PHE A 236 8.26 3.65 -4.49
CA PHE A 236 7.47 2.42 -4.53
C PHE A 236 6.31 2.50 -5.51
N GLN A 237 5.62 3.63 -5.57
CA GLN A 237 4.49 3.74 -6.49
C GLN A 237 4.98 3.80 -7.93
N ILE A 238 6.13 4.44 -8.14
CA ILE A 238 6.69 4.51 -9.49
C ILE A 238 7.00 3.09 -9.92
N GLN A 239 7.64 2.34 -9.04
CA GLN A 239 7.94 0.96 -9.36
C GLN A 239 6.62 0.18 -9.60
N ASP A 240 5.59 0.53 -8.84
CA ASP A 240 4.29 -0.16 -9.02
C ASP A 240 3.75 0.15 -10.42
N ASP A 241 3.86 1.40 -10.85
CA ASP A 241 3.40 1.77 -12.19
C ASP A 241 4.21 1.04 -13.26
N TYR A 242 5.52 0.94 -13.05
CA TYR A 242 6.38 0.27 -14.02
C TYR A 242 5.95 -1.19 -14.18
N LEU A 243 5.78 -1.87 -13.06
CA LEU A 243 5.37 -3.28 -13.05
C LEU A 243 3.96 -3.52 -13.60
N ASP A 244 3.11 -2.50 -13.56
CA ASP A 244 1.75 -2.66 -14.07
C ASP A 244 1.80 -3.10 -15.53
N LEU A 245 2.79 -2.61 -16.27
CA LEU A 245 2.92 -2.96 -17.68
C LEU A 245 4.11 -3.88 -18.00
N PHE A 246 5.25 -3.64 -17.37
CA PHE A 246 6.46 -4.41 -17.65
C PHE A 246 6.79 -5.49 -16.63
N GLY A 247 5.95 -5.62 -15.62
CA GLY A 247 6.20 -6.63 -14.60
C GLY A 247 5.82 -8.03 -15.03
N ASP A 248 6.42 -9.02 -14.39
CA ASP A 248 6.15 -10.40 -14.69
C ASP A 248 4.85 -10.78 -13.99
N PRO A 249 3.80 -11.04 -14.78
CA PRO A 249 2.48 -11.41 -14.24
C PRO A 249 2.53 -12.50 -13.18
N SER A 250 3.38 -13.51 -13.38
CA SER A 250 3.49 -14.61 -12.42
C SER A 250 4.16 -14.16 -11.12
N VAL A 251 4.74 -12.97 -11.13
CA VAL A 251 5.41 -12.42 -9.93
C VAL A 251 4.55 -11.35 -9.26
N THR A 252 3.94 -10.47 -10.05
CA THR A 252 3.11 -9.41 -9.47
C THR A 252 1.79 -9.92 -8.93
N GLY A 253 1.25 -10.97 -9.56
CA GLY A 253 -0.01 -11.51 -9.12
C GLY A 253 -1.21 -10.67 -9.50
N LYS A 254 -1.02 -9.70 -10.39
CA LYS A 254 -2.12 -8.85 -10.80
C LYS A 254 -1.97 -8.38 -12.25
N ILE A 255 -3.11 -8.21 -12.91
CA ILE A 255 -3.12 -7.76 -14.30
C ILE A 255 -3.15 -6.24 -14.35
N GLY A 256 -2.25 -5.67 -15.15
CA GLY A 256 -2.19 -4.22 -15.27
C GLY A 256 -3.38 -3.62 -15.98
N THR A 257 -3.79 -2.44 -15.55
CA THR A 257 -4.93 -1.77 -16.16
C THR A 257 -4.71 -0.27 -16.29
N ASP A 258 -3.51 0.21 -15.97
CA ASP A 258 -3.28 1.65 -16.01
C ASP A 258 -3.57 2.32 -17.35
N ILE A 259 -3.08 1.73 -18.44
CA ILE A 259 -3.31 2.32 -19.76
C ILE A 259 -4.79 2.37 -20.10
N GLN A 260 -5.48 1.24 -19.96
CA GLN A 260 -6.91 1.18 -20.22
C GLN A 260 -7.69 2.15 -19.33
N ASP A 261 -7.23 2.32 -18.07
CA ASP A 261 -7.90 3.19 -17.12
C ASP A 261 -7.50 4.66 -17.24
N ASN A 262 -6.73 4.99 -18.27
CA ASN A 262 -6.34 6.39 -18.48
C ASN A 262 -5.65 7.00 -17.24
N LYS A 263 -4.80 6.22 -16.59
CA LYS A 263 -4.15 6.67 -15.38
C LYS A 263 -2.91 7.56 -15.59
N CYS A 264 -2.67 8.42 -14.60
CA CYS A 264 -1.51 9.30 -14.61
C CYS A 264 -0.36 8.48 -14.02
N SER A 265 0.10 7.51 -14.79
CA SER A 265 1.17 6.61 -14.41
C SER A 265 2.53 7.25 -14.62
N TRP A 266 3.51 6.83 -13.85
CA TRP A 266 4.86 7.36 -14.02
C TRP A 266 5.26 7.15 -15.49
N LEU A 267 4.90 5.99 -16.05
CA LEU A 267 5.22 5.68 -17.43
C LEU A 267 4.72 6.69 -18.46
N VAL A 268 3.43 7.03 -18.39
CA VAL A 268 2.86 7.98 -19.34
C VAL A 268 3.46 9.38 -19.12
N VAL A 269 3.82 9.70 -17.88
CA VAL A 269 4.42 11.00 -17.61
C VAL A 269 5.80 11.05 -18.25
N GLN A 270 6.56 9.97 -18.08
CA GLN A 270 7.90 9.90 -18.68
C GLN A 270 7.77 9.93 -20.21
N CYS A 271 6.73 9.28 -20.71
CA CYS A 271 6.50 9.22 -22.16
C CYS A 271 6.28 10.62 -22.73
N LEU A 272 5.38 11.38 -22.11
CA LEU A 272 5.06 12.73 -22.54
C LEU A 272 6.27 13.67 -22.51
N GLN A 273 7.21 13.42 -21.61
CA GLN A 273 8.38 14.27 -21.51
C GLN A 273 9.43 13.96 -22.55
N ARG A 274 9.35 12.78 -23.16
CA ARG A 274 10.34 12.37 -24.15
C ARG A 274 9.76 12.20 -25.54
N ALA A 275 8.44 12.23 -25.64
CA ALA A 275 7.75 12.03 -26.91
C ALA A 275 7.87 13.16 -27.92
N THR A 276 7.96 12.78 -29.18
CA THR A 276 8.05 13.75 -30.25
C THR A 276 6.63 14.08 -30.62
N PRO A 277 6.42 15.16 -31.38
CA PRO A 277 5.07 15.56 -31.78
C PRO A 277 4.27 14.39 -32.35
N GLU A 278 4.93 13.54 -33.13
CA GLU A 278 4.28 12.40 -33.74
C GLU A 278 3.94 11.34 -32.69
N GLN A 279 4.92 10.96 -31.88
CA GLN A 279 4.70 9.95 -30.84
C GLN A 279 3.59 10.42 -29.90
N TYR A 280 3.57 11.72 -29.62
CA TYR A 280 2.55 12.29 -28.75
C TYR A 280 1.16 11.96 -29.29
N GLN A 281 0.97 12.10 -30.60
CA GLN A 281 -0.31 11.85 -31.24
C GLN A 281 -0.72 10.37 -31.13
N ILE A 282 0.27 9.50 -31.26
CA ILE A 282 0.03 8.06 -31.15
C ILE A 282 -0.47 7.75 -29.75
N LEU A 283 0.20 8.32 -28.76
CA LEU A 283 -0.19 8.11 -27.37
C LEU A 283 -1.62 8.60 -27.15
N LYS A 284 -1.88 9.81 -27.63
CA LYS A 284 -3.20 10.43 -27.48
C LYS A 284 -4.36 9.62 -28.08
N GLU A 285 -4.11 8.99 -29.22
CA GLU A 285 -5.15 8.21 -29.89
C GLU A 285 -5.29 6.79 -29.42
N ASN A 286 -4.35 6.33 -28.58
CA ASN A 286 -4.41 4.96 -28.09
C ASN A 286 -4.51 4.80 -26.58
N TYR A 287 -4.33 5.89 -25.85
CA TYR A 287 -4.39 5.83 -24.38
C TYR A 287 -5.82 5.88 -23.86
N GLY A 288 -6.02 5.34 -22.66
CA GLY A 288 -7.33 5.36 -22.03
C GLY A 288 -8.44 4.54 -22.67
N GLN A 289 -8.09 3.53 -23.46
CA GLN A 289 -9.09 2.71 -24.13
C GLN A 289 -8.91 1.21 -23.86
N LYS A 290 -10.00 0.46 -23.88
CA LYS A 290 -9.97 -0.97 -23.61
C LYS A 290 -9.44 -1.86 -24.74
N GLU A 291 -9.38 -1.34 -25.97
CA GLU A 291 -8.90 -2.14 -27.09
C GLU A 291 -7.48 -2.65 -26.89
N ALA A 292 -7.32 -3.97 -26.84
CA ALA A 292 -6.01 -4.58 -26.63
C ALA A 292 -4.97 -4.10 -27.64
N GLU A 293 -5.40 -3.86 -28.88
CA GLU A 293 -4.52 -3.38 -29.93
C GLU A 293 -4.00 -1.99 -29.60
N LYS A 294 -4.87 -1.14 -29.04
CA LYS A 294 -4.48 0.21 -28.69
C LYS A 294 -3.53 0.20 -27.49
N VAL A 295 -3.80 -0.67 -26.53
CA VAL A 295 -2.94 -0.77 -25.36
C VAL A 295 -1.56 -1.23 -25.84
N ALA A 296 -1.54 -2.23 -26.71
CA ALA A 296 -0.27 -2.75 -27.24
C ALA A 296 0.52 -1.65 -27.94
N ARG A 297 -0.19 -0.74 -28.60
CA ARG A 297 0.44 0.37 -29.29
C ARG A 297 1.18 1.27 -28.29
N VAL A 298 0.51 1.57 -27.17
CA VAL A 298 1.12 2.40 -26.14
C VAL A 298 2.38 1.75 -25.57
N LYS A 299 2.32 0.45 -25.31
CA LYS A 299 3.45 -0.28 -24.76
C LYS A 299 4.64 -0.26 -25.73
N ALA A 300 4.33 -0.34 -27.02
CA ALA A 300 5.37 -0.33 -28.04
C ALA A 300 6.07 1.03 -28.02
N LEU A 301 5.29 2.10 -27.84
CA LEU A 301 5.83 3.44 -27.78
C LEU A 301 6.75 3.58 -26.57
N TYR A 302 6.34 3.02 -25.43
CA TYR A 302 7.15 3.06 -24.21
C TYR A 302 8.46 2.33 -24.41
N GLU A 303 8.40 1.18 -25.08
CA GLU A 303 9.61 0.39 -25.33
C GLU A 303 10.51 1.11 -26.33
N GLU A 304 9.90 1.85 -27.23
CA GLU A 304 10.65 2.61 -28.22
C GLU A 304 11.38 3.76 -27.54
N LEU A 305 10.78 4.30 -26.48
CA LEU A 305 11.40 5.41 -25.75
C LEU A 305 12.31 4.88 -24.63
N ASP A 306 12.58 3.58 -24.65
CA ASP A 306 13.44 2.93 -23.66
C ASP A 306 13.03 3.23 -22.22
N LEU A 307 11.72 3.33 -21.97
CA LEU A 307 11.24 3.61 -20.63
C LEU A 307 11.73 2.56 -19.63
N PRO A 308 11.84 1.29 -20.04
CA PRO A 308 12.32 0.29 -19.08
C PRO A 308 13.74 0.64 -18.60
N ALA A 309 14.60 1.05 -19.51
CA ALA A 309 15.97 1.43 -19.15
C ALA A 309 15.92 2.70 -18.30
N VAL A 310 14.96 3.57 -18.59
CA VAL A 310 14.81 4.81 -17.83
C VAL A 310 14.44 4.47 -16.40
N PHE A 311 13.51 3.53 -16.23
CA PHE A 311 13.13 3.13 -14.87
C PHE A 311 14.32 2.54 -14.11
N LEU A 312 15.10 1.69 -14.77
CA LEU A 312 16.25 1.06 -14.11
C LEU A 312 17.25 2.10 -13.61
N GLN A 313 17.41 3.16 -14.39
CA GLN A 313 18.33 4.22 -14.02
C GLN A 313 17.73 4.98 -12.85
N TYR A 314 16.42 5.28 -12.92
CA TYR A 314 15.75 6.00 -11.84
C TYR A 314 15.80 5.24 -10.52
N GLU A 315 15.71 3.92 -10.61
CA GLU A 315 15.76 3.08 -9.42
C GLU A 315 17.11 3.24 -8.73
N GLU A 316 18.19 3.26 -9.50
CA GLU A 316 19.50 3.42 -8.89
C GLU A 316 19.65 4.81 -8.30
N ASP A 317 19.27 5.84 -9.04
CA ASP A 317 19.37 7.21 -8.55
C ASP A 317 18.48 7.40 -7.31
N SER A 318 17.28 6.84 -7.36
CA SER A 318 16.37 6.95 -6.23
C SER A 318 16.99 6.30 -5.01
N TYR A 319 17.56 5.12 -5.20
CA TYR A 319 18.17 4.39 -4.09
C TYR A 319 19.22 5.29 -3.43
N SER A 320 20.09 5.88 -4.22
CA SER A 320 21.12 6.73 -3.65
C SER A 320 20.53 7.94 -2.94
N HIS A 321 19.46 8.49 -3.48
CA HIS A 321 18.80 9.64 -2.88
C HIS A 321 18.21 9.27 -1.52
N ILE A 322 17.51 8.13 -1.48
CA ILE A 322 16.91 7.67 -0.24
C ILE A 322 17.98 7.39 0.81
N MET A 323 19.07 6.75 0.41
CA MET A 323 20.14 6.48 1.37
C MET A 323 20.70 7.80 1.91
N ALA A 324 20.79 8.80 1.04
CA ALA A 324 21.30 10.10 1.48
C ALA A 324 20.35 10.68 2.54
N LEU A 325 19.04 10.50 2.32
CA LEU A 325 18.05 11.01 3.27
C LEU A 325 18.15 10.28 4.61
N ILE A 326 18.51 9.01 4.55
CA ILE A 326 18.66 8.25 5.78
C ILE A 326 19.85 8.79 6.58
N GLU A 327 20.97 9.05 5.91
CA GLU A 327 22.13 9.58 6.64
C GLU A 327 21.73 10.88 7.33
N GLN A 328 20.92 11.69 6.65
CA GLN A 328 20.50 12.96 7.22
C GLN A 328 19.38 12.94 8.26
N TYR A 329 18.38 12.08 8.08
CA TYR A 329 17.24 12.07 9.00
C TYR A 329 16.98 10.87 9.89
N ALA A 330 17.74 9.79 9.74
CA ALA A 330 17.53 8.62 10.56
C ALA A 330 17.62 8.92 12.05
N ALA A 331 18.72 9.54 12.48
CA ALA A 331 18.91 9.87 13.89
C ALA A 331 17.70 10.56 14.50
N PRO A 332 17.38 10.24 15.76
CA PRO A 332 18.07 9.28 16.62
C PRO A 332 17.63 7.82 16.47
N LEU A 333 16.85 7.50 15.44
CA LEU A 333 16.40 6.13 15.24
C LEU A 333 17.48 5.28 14.60
N PRO A 334 17.47 3.97 14.86
CA PRO A 334 18.46 3.06 14.27
C PRO A 334 18.33 3.06 12.76
N PRO A 335 19.43 3.33 12.04
CA PRO A 335 19.41 3.33 10.57
C PRO A 335 18.86 2.03 10.01
N ALA A 336 19.10 0.93 10.72
CA ALA A 336 18.65 -0.38 10.28
C ALA A 336 17.15 -0.39 9.97
N VAL A 337 16.38 0.38 10.73
CA VAL A 337 14.94 0.46 10.54
C VAL A 337 14.62 0.84 9.11
N PHE A 338 15.28 1.89 8.62
CA PHE A 338 15.07 2.35 7.26
C PHE A 338 15.79 1.47 6.23
N LEU A 339 16.99 1.01 6.57
CA LEU A 339 17.75 0.17 5.65
C LEU A 339 17.01 -1.13 5.36
N GLY A 340 16.45 -1.74 6.41
CA GLY A 340 15.74 -2.99 6.21
C GLY A 340 14.57 -2.80 5.29
N LEU A 341 13.83 -1.71 5.50
CA LEU A 341 12.68 -1.41 4.65
C LEU A 341 13.14 -1.18 3.21
N ALA A 342 14.22 -0.42 3.03
CA ALA A 342 14.73 -0.15 1.70
C ALA A 342 15.14 -1.43 0.97
N ARG A 343 15.80 -2.33 1.70
CA ARG A 343 16.24 -3.58 1.10
C ARG A 343 15.06 -4.39 0.60
N LYS A 344 13.91 -4.18 1.22
CA LYS A 344 12.69 -4.88 0.84
C LYS A 344 12.03 -4.33 -0.42
N ILE A 345 12.17 -3.02 -0.66
CA ILE A 345 11.52 -2.44 -1.83
C ILE A 345 12.44 -2.29 -3.04
N TYR A 346 13.75 -2.24 -2.80
CA TYR A 346 14.69 -2.13 -3.91
C TYR A 346 15.26 -3.50 -4.25
N LYS A 347 14.62 -4.18 -5.19
CA LYS A 347 15.04 -5.51 -5.63
C LYS A 347 15.22 -6.50 -4.48
N1 3N3 B . 6.33 -5.56 -2.53
C2 3N3 B . 5.07 -6.11 -3.07
C4 3N3 B . 5.17 -5.80 -4.63
C7 3N3 B . 6.62 -5.30 -4.82
C8 3N3 B . 7.19 -5.19 -3.59
C9 3N3 B . 8.52 -4.75 -3.43
C11 3N3 B . 9.24 -4.43 -4.60
C13 3N3 B . 8.63 -4.56 -5.88
C15 3N3 B . 7.30 -5.00 -6.00
C17 3N3 B . 5.19 -7.62 -3.00
O18 3N3 B . 4.26 -8.31 -2.65
O19 3N3 B . 6.37 -8.13 -3.35
C21 3N3 B . 6.58 -5.45 -1.19
O22 3N3 B . 5.78 -5.82 -0.33
O23 3N3 B . 7.77 -4.89 -0.87
C24 3N3 B . 8.00 -4.69 0.55
C27 3N3 B . 7.20 -3.54 1.18
C28 3N3 B . 7.46 -3.17 2.52
C30 3N3 B . 6.75 -2.11 3.12
C32 3N3 B . 5.79 -1.42 2.38
C34 3N3 B . 5.52 -1.78 1.05
C36 3N3 B . 6.22 -2.83 0.44
O17 ZOL C . -1.55 -1.55 -8.70
P14 ZOL C . -2.54 -1.44 -7.48
O16 ZOL C . -2.05 -2.53 -6.44
O15 ZOL C . -3.96 -1.56 -7.93
C8 ZOL C . -2.25 0.21 -6.70
P9 ZOL C . -2.83 1.47 -7.87
O10 ZOL C . -2.55 2.88 -7.12
O11 ZOL C . -4.28 1.29 -8.14
O12 ZOL C . -1.88 1.29 -9.18
O13 ZOL C . -0.86 0.37 -6.37
C7 ZOL C . -3.12 0.27 -5.44
N15 ZOL C . -2.99 1.47 -4.63
C16 ZOL C . -1.90 1.93 -4.15
N17 ZOL C . -2.16 2.94 -3.47
C18 ZOL C . -3.42 3.24 -3.48
C19 ZOL C . -3.98 2.26 -4.25
MG MG D . -5.40 -0.47 -8.64
MG MG E . -0.71 -0.15 -9.85
MG MG F . -5.90 2.57 -8.00
P PO4 G . 0.79 -7.09 -1.24
O1 PO4 G . 1.32 -5.89 -1.94
O2 PO4 G . -0.16 -7.81 -2.12
O3 PO4 G . 1.92 -8.00 -0.89
O4 PO4 G . 0.08 -6.67 0.00
P PO4 H . 0.64 -3.46 -4.07
O1 PO4 H . 0.03 -2.23 -4.64
O2 PO4 H . 0.43 -4.60 -5.01
O3 PO4 H . 2.11 -3.24 -3.90
O4 PO4 H . 0.02 -3.77 -2.76
#